data_1N67
#
_entry.id   1N67
#
_cell.length_a   38.700
_cell.length_b   80.540
_cell.length_c   113.890
_cell.angle_alpha   90.00
_cell.angle_beta   90.00
_cell.angle_gamma   90.00
#
_symmetry.space_group_name_H-M   'P 21 21 21'
#
loop_
_entity.id
_entity.type
_entity.pdbx_description
1 polymer 'Clumping Factor'
2 non-polymer 'MAGNESIUM ION'
3 water water
#
_entity_poly.entity_id   1
_entity_poly.type   'polypeptide(L)'
_entity_poly.pdbx_seq_one_letter_code
;MRGSHHHHHHGSLVPRGSMVAADAPAAGTDITNQLTNVTVGIDSGTTVYPHQAGYVKLNYGFSVPNSAVKGDTFKITVPK
ELNLNGVTSTAKVPPIMAGDQVLANGVIDSDGNVIYTFTDYVNTKDDVKATLTMPAYIDPENVKKTGNVTLATGIGSTTA
NKTVLVDYEKYGKFYNLSIKGTIDQIDKTNNTYRQTIYVNPSGDNVIAPVLTGNLKPNTDSNALIDQQNTSIKVYKVDNA
ADLSESYFVNPENFEDVTNSVNITFPNPNQYKVEFNTPDDQITTPYIVVVNGHIDPNSKGDLALRSTLYGYNSNIIWRSM
SWDNEVAFNNGSGSGDGIDKPVVPEQPDEPGEIEPIPEK
;
_entity_poly.pdbx_strand_id   A
#
loop_
_chem_comp.id
_chem_comp.type
_chem_comp.name
_chem_comp.formula
MG non-polymer 'MAGNESIUM ION' 'Mg 2'
#
# COMPACT_ATOMS: atom_id res chain seq x y z
N GLY A 28 12.41 25.80 -22.42
CA GLY A 28 12.61 24.69 -21.46
C GLY A 28 13.64 25.03 -20.42
N THR A 29 13.54 26.23 -19.85
CA THR A 29 14.49 26.66 -18.84
C THR A 29 14.12 26.11 -17.46
N ASP A 30 15.09 25.49 -16.80
CA ASP A 30 14.88 24.97 -15.45
C ASP A 30 14.90 26.19 -14.54
N ILE A 31 13.73 26.67 -14.14
CA ILE A 31 13.67 27.85 -13.28
C ILE A 31 13.52 27.54 -11.80
N THR A 32 13.92 26.34 -11.40
CA THR A 32 13.84 25.92 -10.00
C THR A 32 14.42 26.99 -9.08
N ASN A 33 15.61 27.48 -9.41
CA ASN A 33 16.27 28.50 -8.60
C ASN A 33 15.68 29.89 -8.72
N GLN A 34 14.72 30.08 -9.65
CA GLN A 34 14.10 31.40 -9.88
C GLN A 34 12.74 31.56 -9.23
N LEU A 35 12.22 30.45 -8.71
CA LEU A 35 10.97 30.46 -7.96
C LEU A 35 11.25 31.21 -6.67
N THR A 36 10.29 32.02 -6.23
CA THR A 36 10.46 32.79 -5.02
C THR A 36 9.38 32.44 -3.99
N ASN A 37 9.54 32.93 -2.77
CA ASN A 37 8.60 32.68 -1.68
C ASN A 37 8.35 31.18 -1.59
N VAL A 38 9.43 30.41 -1.59
CA VAL A 38 9.38 28.96 -1.55
C VAL A 38 9.31 28.38 -0.14
N THR A 39 8.41 27.42 0.02
CA THR A 39 8.23 26.71 1.29
C THR A 39 8.06 25.24 0.97
N VAL A 40 8.68 24.39 1.79
CA VAL A 40 8.61 22.94 1.63
C VAL A 40 8.40 22.35 3.02
N GLY A 41 7.58 21.32 3.10
CA GLY A 41 7.34 20.71 4.40
C GLY A 41 6.91 19.26 4.33
N ILE A 42 7.07 18.57 5.45
CA ILE A 42 6.70 17.17 5.56
C ILE A 42 5.79 17.06 6.77
N ASP A 43 4.57 16.57 6.56
CA ASP A 43 3.62 16.44 7.65
C ASP A 43 3.17 15.00 7.89
N SER A 44 3.19 14.60 9.16
CA SER A 44 2.78 13.26 9.55
C SER A 44 2.97 13.10 11.06
N GLY A 45 2.54 11.96 11.58
CA GLY A 45 2.71 11.69 12.99
C GLY A 45 4.13 11.24 13.23
N THR A 46 4.52 11.11 14.50
CA THR A 46 5.87 10.66 14.82
C THR A 46 6.10 9.23 14.35
N THR A 47 5.00 8.47 14.21
CA THR A 47 5.08 7.08 13.75
C THR A 47 4.19 6.88 12.52
N VAL A 48 4.73 6.24 11.49
CA VAL A 48 4.00 5.96 10.27
C VAL A 48 3.78 4.45 10.14
N TYR A 49 2.56 4.04 9.80
CA TYR A 49 2.23 2.62 9.67
C TYR A 49 1.87 2.25 8.23
N PRO A 50 2.87 1.86 7.43
CA PRO A 50 2.65 1.48 6.03
C PRO A 50 1.53 0.45 5.82
N HIS A 51 1.40 -0.50 6.74
CA HIS A 51 0.38 -1.52 6.57
C HIS A 51 -1.01 -1.16 7.10
N GLN A 52 -1.25 0.08 7.51
CA GLN A 52 -2.52 0.68 7.90
C GLN A 52 -2.88 1.86 7.00
N ALA A 53 -2.31 1.66 5.75
CA ALA A 53 -2.49 2.68 4.70
C ALA A 53 -1.90 4.03 5.09
N GLY A 54 -0.85 4.01 5.90
CA GLY A 54 -0.21 5.24 6.36
C GLY A 54 0.74 5.89 5.37
N TYR A 55 0.78 7.21 5.38
CA TYR A 55 1.66 7.95 4.49
C TYR A 55 1.96 9.31 5.09
N VAL A 56 2.93 10.00 4.49
CA VAL A 56 3.30 11.35 4.94
C VAL A 56 2.82 12.29 3.84
N LYS A 57 2.62 13.55 4.18
CA LYS A 57 2.19 14.52 3.19
C LYS A 57 3.33 15.48 2.87
N LEU A 58 3.69 15.56 1.59
CA LEU A 58 4.74 16.46 1.15
C LEU A 58 4.05 17.70 0.60
N ASN A 59 4.39 18.87 1.13
CA ASN A 59 3.77 20.10 0.67
C ASN A 59 4.78 21.08 0.11
N TYR A 60 4.37 21.79 -0.93
CA TYR A 60 5.22 22.78 -1.58
C TYR A 60 4.43 24.05 -1.87
N GLY A 61 5.11 25.18 -1.79
CA GLY A 61 4.48 26.45 -2.07
C GLY A 61 5.52 27.34 -2.73
N PHE A 62 5.10 28.13 -3.71
CA PHE A 62 6.05 29.01 -4.39
C PHE A 62 5.38 30.03 -5.30
N SER A 63 6.09 31.12 -5.56
CA SER A 63 5.60 32.16 -6.46
C SER A 63 6.36 31.97 -7.76
N VAL A 64 5.65 32.03 -8.88
CA VAL A 64 6.27 31.89 -10.19
C VAL A 64 6.69 33.25 -10.72
N PRO A 65 7.95 33.39 -11.17
CA PRO A 65 8.38 34.68 -11.69
C PRO A 65 7.60 34.99 -12.96
N ASN A 66 7.30 36.26 -13.21
CA ASN A 66 6.55 36.63 -14.40
C ASN A 66 7.33 36.36 -15.68
N SER A 67 8.63 36.15 -15.53
CA SER A 67 9.50 35.87 -16.67
C SER A 67 9.27 34.45 -17.20
N ALA A 68 8.60 33.62 -16.43
CA ALA A 68 8.34 32.25 -16.84
C ALA A 68 7.50 32.17 -18.10
N VAL A 69 7.75 31.15 -18.92
CA VAL A 69 6.99 30.95 -20.16
C VAL A 69 6.66 29.48 -20.30
N LYS A 70 5.67 29.17 -21.14
CA LYS A 70 5.29 27.79 -21.38
C LYS A 70 6.54 26.99 -21.67
N GLY A 71 6.64 25.79 -21.09
CA GLY A 71 7.81 24.96 -21.33
C GLY A 71 8.84 25.00 -20.21
N ASP A 72 8.87 26.08 -19.44
CA ASP A 72 9.84 26.16 -18.36
C ASP A 72 9.49 25.08 -17.33
N THR A 73 10.49 24.65 -16.57
CA THR A 73 10.27 23.60 -15.58
C THR A 73 10.92 23.89 -14.23
N PHE A 74 10.61 23.03 -13.26
CA PHE A 74 11.22 23.12 -11.95
C PHE A 74 11.24 21.70 -11.40
N LYS A 75 12.20 21.41 -10.54
CA LYS A 75 12.36 20.06 -10.01
C LYS A 75 12.11 19.92 -8.52
N ILE A 76 11.42 18.86 -8.15
CA ILE A 76 11.17 18.57 -6.75
C ILE A 76 12.08 17.39 -6.41
N THR A 77 12.94 17.59 -5.43
CA THR A 77 13.86 16.55 -4.99
C THR A 77 13.11 15.58 -4.08
N VAL A 78 13.03 14.33 -4.52
CA VAL A 78 12.32 13.28 -3.80
C VAL A 78 13.27 12.23 -3.20
N PRO A 79 13.10 11.92 -1.92
CA PRO A 79 13.96 10.93 -1.22
C PRO A 79 13.58 9.52 -1.67
N LYS A 80 14.57 8.62 -1.78
CA LYS A 80 14.27 7.26 -2.23
C LYS A 80 13.49 6.45 -1.22
N GLU A 81 13.40 6.94 0.01
CA GLU A 81 12.66 6.24 1.06
C GLU A 81 11.15 6.36 0.87
N LEU A 82 10.72 7.19 -0.08
CA LEU A 82 9.29 7.37 -0.31
C LEU A 82 8.85 7.00 -1.72
N ASN A 83 7.59 6.61 -1.84
CA ASN A 83 6.95 6.27 -3.11
C ASN A 83 5.82 7.29 -3.21
N LEU A 84 5.91 8.17 -4.20
CA LEU A 84 4.92 9.21 -4.38
C LEU A 84 3.53 8.79 -4.87
N ASN A 85 2.52 9.40 -4.27
CA ASN A 85 1.12 9.21 -4.63
C ASN A 85 0.48 7.83 -4.56
N GLY A 86 1.27 6.80 -4.35
CA GLY A 86 0.72 5.46 -4.27
C GLY A 86 1.82 4.45 -4.05
N VAL A 87 1.47 3.20 -3.75
CA VAL A 87 2.47 2.18 -3.51
C VAL A 87 2.91 1.47 -4.80
N THR A 88 2.26 1.78 -5.92
CA THR A 88 2.62 1.17 -7.19
C THR A 88 3.23 2.18 -8.15
N SER A 89 3.91 1.68 -9.19
CA SER A 89 4.55 2.53 -10.19
C SER A 89 3.59 3.33 -11.04
N THR A 90 2.32 2.93 -11.06
CA THR A 90 1.33 3.62 -11.88
C THR A 90 0.68 4.82 -11.20
N ALA A 91 1.07 5.09 -9.96
CA ALA A 91 0.49 6.22 -9.23
C ALA A 91 0.62 7.48 -10.07
N LYS A 92 -0.43 8.31 -10.07
CA LYS A 92 -0.45 9.54 -10.85
C LYS A 92 0.18 10.74 -10.14
N VAL A 93 0.95 11.52 -10.89
CA VAL A 93 1.56 12.74 -10.33
C VAL A 93 0.49 13.81 -10.53
N PRO A 94 -0.05 14.37 -9.43
CA PRO A 94 -1.09 15.39 -9.56
C PRO A 94 -0.64 16.69 -10.20
N PRO A 95 -1.47 17.27 -11.08
CA PRO A 95 -1.08 18.53 -11.70
C PRO A 95 -1.25 19.69 -10.74
N ILE A 96 -0.48 20.74 -10.94
CA ILE A 96 -0.57 21.93 -10.09
C ILE A 96 -1.58 22.84 -10.75
N MET A 97 -2.54 23.32 -9.97
CA MET A 97 -3.59 24.17 -10.51
C MET A 97 -3.45 25.65 -10.21
N ALA A 98 -4.10 26.45 -11.06
CA ALA A 98 -4.16 27.90 -10.92
C ALA A 98 -5.64 28.19 -11.17
N GLY A 99 -6.42 28.40 -10.12
CA GLY A 99 -7.84 28.59 -10.28
C GLY A 99 -8.36 27.27 -10.83
N ASP A 100 -9.01 27.28 -12.02
CA ASP A 100 -9.51 26.03 -12.64
C ASP A 100 -8.66 25.63 -13.88
N GLN A 101 -7.51 26.28 -14.04
CA GLN A 101 -6.60 26.01 -15.16
C GLN A 101 -5.30 25.28 -14.67
N VAL A 102 -4.86 24.28 -15.43
CA VAL A 102 -3.62 23.54 -15.11
C VAL A 102 -2.42 24.49 -15.23
N LEU A 103 -1.69 24.66 -14.14
CA LEU A 103 -0.52 25.53 -14.13
C LEU A 103 0.72 24.74 -14.57
N ALA A 104 0.82 23.50 -14.10
CA ALA A 104 1.95 22.64 -14.44
C ALA A 104 1.59 21.16 -14.41
N ASN A 105 2.29 20.41 -15.26
CA ASN A 105 2.12 18.97 -15.38
C ASN A 105 3.44 18.32 -14.97
N GLY A 106 3.38 17.33 -14.09
CA GLY A 106 4.60 16.69 -13.63
C GLY A 106 4.85 15.26 -14.04
N VAL A 107 6.13 14.89 -14.03
CA VAL A 107 6.55 13.54 -14.38
C VAL A 107 7.73 13.15 -13.50
N ILE A 108 7.84 11.88 -13.17
CA ILE A 108 8.94 11.39 -12.34
C ILE A 108 10.09 11.00 -13.27
N ASP A 109 11.27 11.55 -13.03
CA ASP A 109 12.43 11.23 -13.87
C ASP A 109 13.15 9.97 -13.41
N SER A 110 14.24 9.64 -14.10
CA SER A 110 15.02 8.44 -13.78
C SER A 110 15.65 8.44 -12.38
N ASP A 111 15.73 9.60 -11.75
CA ASP A 111 16.32 9.69 -10.40
C ASP A 111 15.25 9.61 -9.32
N GLY A 112 13.98 9.57 -9.74
CA GLY A 112 12.90 9.50 -8.78
C GLY A 112 12.40 10.89 -8.42
N ASN A 113 13.02 11.91 -8.99
CA ASN A 113 12.58 13.28 -8.71
C ASN A 113 11.42 13.64 -9.62
N VAL A 114 10.70 14.71 -9.29
CA VAL A 114 9.58 15.11 -10.11
C VAL A 114 9.89 16.38 -10.90
N ILE A 115 9.60 16.34 -12.20
CA ILE A 115 9.82 17.48 -13.07
C ILE A 115 8.46 18.05 -13.46
N TYR A 116 8.18 19.29 -13.07
CA TYR A 116 6.93 19.92 -13.45
C TYR A 116 7.20 20.88 -14.59
N THR A 117 6.34 20.83 -15.62
CA THR A 117 6.48 21.71 -16.77
C THR A 117 5.28 22.65 -16.86
N PHE A 118 5.56 23.96 -16.84
CA PHE A 118 4.51 24.96 -16.91
C PHE A 118 3.77 24.99 -18.24
N THR A 119 2.46 25.25 -18.15
CA THR A 119 1.59 25.34 -19.31
C THR A 119 1.63 26.78 -19.83
N ASP A 120 0.77 27.11 -20.80
CA ASP A 120 0.77 28.47 -21.33
C ASP A 120 0.07 29.45 -20.38
N TYR A 121 -0.36 28.96 -19.23
CA TYR A 121 -1.02 29.83 -18.25
C TYR A 121 -0.06 30.94 -17.83
N VAL A 122 1.23 30.62 -17.73
CA VAL A 122 2.23 31.60 -17.33
C VAL A 122 2.55 32.63 -18.41
N ASN A 123 2.09 32.39 -19.63
CA ASN A 123 2.33 33.30 -20.73
C ASN A 123 1.48 34.56 -20.64
N THR A 124 0.35 34.48 -19.94
CA THR A 124 -0.55 35.62 -19.83
C THR A 124 -0.98 36.02 -18.42
N LYS A 125 -0.63 35.23 -17.42
CA LYS A 125 -0.99 35.53 -16.05
C LYS A 125 0.23 35.94 -15.23
N ASP A 126 0.14 37.04 -14.52
CA ASP A 126 1.25 37.50 -13.70
C ASP A 126 1.00 37.27 -12.20
N ASP A 127 2.07 37.35 -11.43
CA ASP A 127 2.03 37.22 -9.98
C ASP A 127 1.34 35.95 -9.47
N VAL A 128 1.62 34.83 -10.13
CA VAL A 128 1.01 33.56 -9.74
C VAL A 128 1.70 32.92 -8.54
N LYS A 129 0.88 32.51 -7.57
CA LYS A 129 1.36 31.84 -6.37
C LYS A 129 0.72 30.45 -6.40
N ALA A 130 1.53 29.41 -6.22
CA ALA A 130 0.99 28.05 -6.29
C ALA A 130 1.33 27.17 -5.09
N THR A 131 0.61 26.06 -4.98
CA THR A 131 0.82 25.11 -3.88
C THR A 131 0.63 23.69 -4.42
N LEU A 132 1.17 22.73 -3.68
CA LEU A 132 1.04 21.33 -4.06
C LEU A 132 1.27 20.42 -2.86
N THR A 133 0.41 19.42 -2.73
CA THR A 133 0.54 18.44 -1.66
C THR A 133 0.44 17.07 -2.30
N MET A 134 1.41 16.22 -2.01
CA MET A 134 1.41 14.87 -2.56
C MET A 134 1.56 13.85 -1.43
N PRO A 135 0.67 12.86 -1.37
CA PRO A 135 0.83 11.87 -0.30
C PRO A 135 2.05 11.05 -0.70
N ALA A 136 2.82 10.59 0.28
CA ALA A 136 4.00 9.81 0.00
C ALA A 136 4.06 8.61 0.92
N TYR A 137 4.15 7.42 0.32
CA TYR A 137 4.19 6.19 1.07
C TYR A 137 5.62 5.72 1.29
N ILE A 138 5.82 4.93 2.33
CA ILE A 138 7.15 4.40 2.63
C ILE A 138 7.52 3.38 1.57
N ASP A 139 8.76 3.45 1.08
CA ASP A 139 9.24 2.50 0.08
C ASP A 139 9.97 1.41 0.86
N PRO A 140 9.38 0.20 0.95
CA PRO A 140 10.01 -0.90 1.69
C PRO A 140 11.38 -1.35 1.19
N GLU A 141 11.71 -1.05 -0.06
CA GLU A 141 13.00 -1.42 -0.59
C GLU A 141 14.12 -0.64 0.11
N ASN A 142 13.80 0.59 0.51
CA ASN A 142 14.79 1.44 1.16
C ASN A 142 14.64 1.65 2.67
N VAL A 143 13.52 1.19 3.22
CA VAL A 143 13.28 1.23 4.66
C VAL A 143 13.08 -0.27 4.91
N LYS A 144 14.15 -0.94 5.33
CA LYS A 144 14.16 -2.39 5.52
C LYS A 144 13.66 -3.04 6.80
N LYS A 145 13.30 -2.24 7.78
CA LYS A 145 12.79 -2.81 9.02
C LYS A 145 12.23 -1.69 9.88
N THR A 146 11.60 -2.07 11.00
CA THR A 146 11.03 -1.09 11.92
C THR A 146 12.17 -0.22 12.45
N GLY A 147 11.99 1.09 12.42
CA GLY A 147 13.02 1.99 12.91
C GLY A 147 12.85 3.42 12.45
N ASN A 148 13.76 4.29 12.88
CA ASN A 148 13.71 5.71 12.53
C ASN A 148 14.31 5.95 11.17
N VAL A 149 13.64 6.81 10.39
CA VAL A 149 14.10 7.15 9.05
C VAL A 149 14.04 8.66 8.88
N THR A 150 15.06 9.23 8.25
CA THR A 150 15.08 10.68 8.03
C THR A 150 14.64 11.01 6.62
N LEU A 151 13.49 11.65 6.51
CA LEU A 151 12.92 12.03 5.22
C LEU A 151 13.31 13.46 4.87
N ALA A 152 13.67 13.68 3.62
CA ALA A 152 14.06 15.01 3.15
C ALA A 152 13.57 15.22 1.73
N THR A 153 13.03 16.41 1.47
CA THR A 153 12.53 16.76 0.17
C THR A 153 12.73 18.26 0.00
N GLY A 154 12.73 18.74 -1.24
CA GLY A 154 12.92 20.17 -1.43
C GLY A 154 12.86 20.62 -2.87
N ILE A 155 12.95 21.94 -3.03
CA ILE A 155 12.96 22.57 -4.34
C ILE A 155 14.19 23.46 -4.29
N GLY A 156 15.20 23.13 -5.07
CA GLY A 156 16.42 23.92 -5.05
C GLY A 156 17.03 23.84 -3.66
N SER A 157 17.42 24.99 -3.10
CA SER A 157 18.05 25.02 -1.79
C SER A 157 17.06 25.08 -0.64
N THR A 158 15.76 25.12 -0.97
CA THR A 158 14.73 25.15 0.07
C THR A 158 14.36 23.71 0.38
N THR A 159 14.87 23.18 1.48
CA THR A 159 14.59 21.80 1.84
C THR A 159 13.88 21.68 3.18
N ALA A 160 13.25 20.53 3.40
CA ALA A 160 12.54 20.25 4.64
C ALA A 160 12.95 18.83 5.06
N ASN A 161 13.20 18.65 6.35
CA ASN A 161 13.60 17.35 6.87
C ASN A 161 12.75 16.94 8.04
N LYS A 162 12.58 15.63 8.20
CA LYS A 162 11.80 15.12 9.30
C LYS A 162 12.13 13.66 9.53
N THR A 163 12.43 13.33 10.78
CA THR A 163 12.76 11.96 11.14
C THR A 163 11.52 11.34 11.76
N VAL A 164 11.08 10.23 11.19
CA VAL A 164 9.90 9.55 11.68
C VAL A 164 10.18 8.09 11.99
N LEU A 165 9.29 7.48 12.76
CA LEU A 165 9.43 6.08 13.13
C LEU A 165 8.52 5.25 12.23
N VAL A 166 9.09 4.36 11.44
CA VAL A 166 8.29 3.51 10.57
C VAL A 166 8.14 2.16 11.24
N ASP A 167 6.90 1.70 11.33
CA ASP A 167 6.63 0.43 11.98
C ASP A 167 6.14 -0.68 11.08
N TYR A 168 6.77 -1.84 11.23
CA TYR A 168 6.40 -3.04 10.50
C TYR A 168 6.22 -4.12 11.56
N GLU A 169 5.10 -4.83 11.51
CA GLU A 169 4.83 -5.89 12.47
C GLU A 169 5.33 -7.23 11.97
N LYS A 170 5.88 -8.03 12.88
CA LYS A 170 6.37 -9.36 12.51
C LYS A 170 5.15 -10.20 12.13
N TYR A 171 5.35 -11.17 11.25
CA TYR A 171 4.24 -12.01 10.81
C TYR A 171 3.78 -12.97 11.89
N GLY A 172 2.54 -13.45 11.76
CA GLY A 172 1.99 -14.37 12.73
C GLY A 172 2.25 -15.80 12.32
N LYS A 173 2.52 -16.68 13.29
CA LYS A 173 2.80 -18.08 12.99
C LYS A 173 2.19 -19.00 14.03
N PHE A 174 1.43 -19.97 13.54
CA PHE A 174 0.74 -20.97 14.36
C PHE A 174 1.12 -22.30 13.72
N TYR A 175 1.93 -23.08 14.43
CA TYR A 175 2.43 -24.36 13.91
C TYR A 175 3.19 -24.08 12.62
N ASN A 176 2.76 -24.69 11.51
CA ASN A 176 3.45 -24.47 10.24
C ASN A 176 2.78 -23.39 9.37
N LEU A 177 1.81 -22.68 9.94
CA LEU A 177 1.07 -21.65 9.22
C LEU A 177 1.47 -20.22 9.60
N SER A 178 2.09 -19.50 8.68
CA SER A 178 2.48 -18.11 8.94
C SER A 178 1.76 -17.21 7.95
N ILE A 179 1.43 -16.00 8.39
CA ILE A 179 0.70 -15.07 7.54
C ILE A 179 0.86 -13.63 8.02
N LYS A 180 0.80 -12.70 7.08
CA LYS A 180 0.90 -11.28 7.39
C LYS A 180 0.03 -10.54 6.39
N GLY A 181 -1.03 -9.90 6.89
CA GLY A 181 -1.91 -9.16 6.01
C GLY A 181 -1.66 -7.66 6.15
N THR A 182 -2.06 -6.90 5.14
CA THR A 182 -1.89 -5.46 5.16
C THR A 182 -3.03 -4.75 4.45
N ILE A 183 -2.98 -3.43 4.53
CA ILE A 183 -3.87 -2.54 3.83
C ILE A 183 -2.84 -1.49 3.43
N ASP A 184 -2.44 -1.52 2.16
CA ASP A 184 -1.40 -0.62 1.66
C ASP A 184 -1.88 0.81 1.43
N GLN A 185 -3.11 0.96 0.96
CA GLN A 185 -3.67 2.28 0.74
C GLN A 185 -5.16 2.21 0.46
N ILE A 186 -5.81 3.35 0.58
CA ILE A 186 -7.24 3.46 0.33
C ILE A 186 -7.49 4.72 -0.49
N ASP A 187 -8.56 4.71 -1.27
CA ASP A 187 -8.94 5.86 -2.09
C ASP A 187 -10.37 6.20 -1.69
N LYS A 188 -10.51 7.19 -0.83
CA LYS A 188 -11.82 7.64 -0.34
C LYS A 188 -12.81 8.04 -1.42
N THR A 189 -12.36 8.81 -2.39
CA THR A 189 -13.22 9.28 -3.46
C THR A 189 -13.71 8.16 -4.38
N ASN A 190 -12.85 7.20 -4.67
CA ASN A 190 -13.23 6.11 -5.58
C ASN A 190 -13.67 4.85 -4.84
N ASN A 191 -13.71 4.93 -3.51
CA ASN A 191 -14.13 3.81 -2.68
C ASN A 191 -13.36 2.52 -2.93
N THR A 192 -12.03 2.61 -2.97
CA THR A 192 -11.20 1.43 -3.19
C THR A 192 -10.13 1.31 -2.13
N TYR A 193 -9.50 0.15 -2.08
CA TYR A 193 -8.42 -0.13 -1.15
C TYR A 193 -7.54 -1.19 -1.78
N ARG A 194 -6.27 -1.22 -1.38
CA ARG A 194 -5.34 -2.22 -1.88
C ARG A 194 -4.79 -2.91 -0.64
N GLN A 195 -4.81 -4.23 -0.67
CA GLN A 195 -4.31 -5.04 0.43
C GLN A 195 -3.39 -6.12 -0.11
N THR A 196 -2.34 -6.42 0.64
CA THR A 196 -1.41 -7.47 0.28
C THR A 196 -1.42 -8.47 1.44
N ILE A 197 -1.41 -9.75 1.10
CA ILE A 197 -1.38 -10.78 2.12
C ILE A 197 -0.16 -11.64 1.82
N TYR A 198 0.74 -11.73 2.80
CA TYR A 198 1.94 -12.55 2.63
C TYR A 198 1.63 -13.91 3.25
N VAL A 199 1.54 -14.90 2.37
CA VAL A 199 1.26 -16.27 2.76
C VAL A 199 2.57 -17.02 2.96
N ASN A 200 2.68 -17.71 4.09
CA ASN A 200 3.86 -18.48 4.42
C ASN A 200 5.17 -17.70 4.36
N PRO A 201 5.22 -16.52 5.01
CA PRO A 201 6.45 -15.73 4.98
C PRO A 201 7.60 -16.43 5.70
N SER A 202 7.27 -17.41 6.55
CA SER A 202 8.27 -18.16 7.30
C SER A 202 8.98 -19.22 6.44
N GLY A 203 8.41 -19.53 5.28
CA GLY A 203 9.01 -20.51 4.40
C GLY A 203 8.88 -21.93 4.92
N ASP A 204 7.77 -22.21 5.59
CA ASP A 204 7.50 -23.54 6.11
C ASP A 204 6.92 -24.41 5.03
N ASN A 205 6.71 -25.68 5.36
CA ASN A 205 6.10 -26.61 4.44
C ASN A 205 4.62 -26.65 4.79
N VAL A 206 3.76 -26.28 3.84
CA VAL A 206 2.33 -26.31 4.07
C VAL A 206 1.67 -27.18 3.01
N ILE A 207 0.90 -28.16 3.45
CA ILE A 207 0.22 -29.07 2.55
C ILE A 207 -1.21 -28.61 2.25
N ALA A 208 -1.56 -28.59 0.97
CA ALA A 208 -2.89 -28.18 0.52
C ALA A 208 -3.35 -26.86 1.10
N PRO A 209 -2.53 -25.81 0.99
CA PRO A 209 -2.87 -24.49 1.52
C PRO A 209 -4.03 -23.77 0.82
N VAL A 210 -4.80 -23.03 1.60
CA VAL A 210 -5.93 -22.26 1.08
C VAL A 210 -5.96 -20.95 1.86
N LEU A 211 -6.16 -19.85 1.15
CA LEU A 211 -6.25 -18.54 1.78
C LEU A 211 -7.66 -17.99 1.60
N THR A 212 -8.24 -17.43 2.66
CA THR A 212 -9.55 -16.81 2.55
C THR A 212 -9.46 -15.40 3.08
N GLY A 213 -10.30 -14.52 2.56
CA GLY A 213 -10.34 -13.15 3.02
C GLY A 213 -11.79 -12.84 3.36
N ASN A 214 -12.04 -12.35 4.57
CA ASN A 214 -13.39 -12.02 5.03
C ASN A 214 -13.42 -10.62 5.61
N LEU A 215 -14.60 -10.22 6.04
CA LEU A 215 -14.74 -8.94 6.72
C LEU A 215 -14.35 -9.36 8.14
N LYS A 216 -13.81 -8.44 8.93
CA LYS A 216 -13.46 -8.80 10.30
C LYS A 216 -14.81 -9.04 10.98
N PRO A 217 -15.02 -10.23 11.57
CA PRO A 217 -16.27 -10.59 12.24
C PRO A 217 -16.69 -9.66 13.40
N ASN A 218 -17.98 -9.68 13.71
CA ASN A 218 -18.54 -8.90 14.82
C ASN A 218 -18.14 -7.43 14.77
N THR A 219 -18.00 -6.90 13.58
CA THR A 219 -17.65 -5.50 13.37
C THR A 219 -18.58 -5.05 12.25
N ASP A 220 -18.65 -3.74 12.02
CA ASP A 220 -19.52 -3.24 10.95
C ASP A 220 -18.71 -2.86 9.71
N SER A 221 -17.77 -3.71 9.35
CA SER A 221 -16.89 -3.47 8.20
C SER A 221 -17.60 -2.98 6.94
N ASN A 222 -16.97 -2.03 6.26
CA ASN A 222 -17.54 -1.45 5.05
C ASN A 222 -17.05 -2.09 3.76
N ALA A 223 -16.25 -3.14 3.84
CA ALA A 223 -15.74 -3.79 2.64
C ALA A 223 -16.77 -4.62 1.90
N LEU A 224 -16.65 -4.63 0.57
CA LEU A 224 -17.53 -5.41 -0.28
C LEU A 224 -16.61 -6.37 -1.01
N ILE A 225 -16.71 -7.65 -0.68
CA ILE A 225 -15.86 -8.67 -1.28
C ILE A 225 -16.67 -9.60 -2.15
N ASP A 226 -16.43 -9.53 -3.46
CA ASP A 226 -17.11 -10.38 -4.42
C ASP A 226 -16.42 -10.30 -5.78
N GLN A 227 -16.89 -11.06 -6.75
CA GLN A 227 -16.27 -11.09 -8.06
C GLN A 227 -16.24 -9.76 -8.80
N GLN A 228 -17.24 -8.92 -8.55
CA GLN A 228 -17.30 -7.62 -9.23
C GLN A 228 -16.43 -6.57 -8.54
N ASN A 229 -16.37 -6.62 -7.22
CA ASN A 229 -15.61 -5.64 -6.45
C ASN A 229 -14.18 -6.01 -6.06
N THR A 230 -13.79 -7.26 -6.26
CA THR A 230 -12.46 -7.67 -5.84
C THR A 230 -11.60 -8.33 -6.91
N SER A 231 -10.47 -7.70 -7.21
CA SER A 231 -9.52 -8.23 -8.20
C SER A 231 -8.35 -8.83 -7.42
N ILE A 232 -7.97 -10.05 -7.76
CA ILE A 232 -6.89 -10.74 -7.04
C ILE A 232 -5.79 -11.29 -7.94
N LYS A 233 -4.55 -11.03 -7.55
CA LYS A 233 -3.38 -11.51 -8.26
C LYS A 233 -2.51 -12.25 -7.25
N VAL A 234 -1.84 -13.30 -7.70
CA VAL A 234 -0.99 -14.07 -6.81
C VAL A 234 0.41 -14.27 -7.40
N TYR A 235 1.43 -14.05 -6.57
CA TYR A 235 2.81 -14.19 -7.00
C TYR A 235 3.54 -15.17 -6.10
N LYS A 236 4.42 -15.97 -6.70
CA LYS A 236 5.20 -16.93 -5.94
C LYS A 236 6.58 -16.36 -5.68
N VAL A 237 7.02 -16.40 -4.43
CA VAL A 237 8.34 -15.89 -4.07
C VAL A 237 9.34 -17.06 -4.13
N ASP A 238 10.51 -16.82 -4.73
CA ASP A 238 11.51 -17.88 -4.84
C ASP A 238 11.85 -18.54 -3.50
N ASN A 239 12.14 -17.73 -2.49
CA ASN A 239 12.47 -18.26 -1.16
C ASN A 239 12.08 -17.27 -0.07
N ALA A 240 11.95 -17.79 1.15
CA ALA A 240 11.62 -16.95 2.29
C ALA A 240 12.71 -15.89 2.47
N ALA A 241 13.95 -16.28 2.17
CA ALA A 241 15.09 -15.38 2.30
C ALA A 241 14.97 -14.14 1.39
N ASP A 242 14.10 -14.20 0.40
CA ASP A 242 13.91 -13.08 -0.52
C ASP A 242 12.88 -12.07 -0.03
N LEU A 243 12.30 -12.34 1.13
CA LEU A 243 11.30 -11.46 1.74
C LEU A 243 11.93 -10.76 2.94
N SER A 244 12.07 -9.44 2.88
CA SER A 244 12.70 -8.67 3.97
C SER A 244 11.76 -8.41 5.14
N GLU A 245 12.31 -7.80 6.19
CA GLU A 245 11.53 -7.46 7.38
C GLU A 245 10.49 -6.37 7.12
N SER A 246 10.67 -5.64 6.02
CA SER A 246 9.72 -4.59 5.63
C SER A 246 8.81 -5.19 4.56
N TYR A 247 8.95 -6.48 4.35
CA TYR A 247 8.17 -7.25 3.38
C TYR A 247 8.40 -6.89 1.91
N PHE A 248 9.64 -6.56 1.58
CA PHE A 248 10.01 -6.21 0.22
C PHE A 248 10.64 -7.42 -0.47
N VAL A 249 10.27 -7.60 -1.73
CA VAL A 249 10.81 -8.69 -2.54
C VAL A 249 11.24 -8.08 -3.85
N ASN A 250 12.48 -8.35 -4.25
CA ASN A 250 12.99 -7.85 -5.50
C ASN A 250 12.21 -8.53 -6.62
N PRO A 251 11.81 -7.77 -7.66
CA PRO A 251 11.04 -8.32 -8.79
C PRO A 251 11.64 -9.58 -9.42
N GLU A 252 12.95 -9.74 -9.30
CA GLU A 252 13.61 -10.91 -9.88
C GLU A 252 13.38 -12.18 -9.06
N ASN A 253 12.85 -12.02 -7.85
CA ASN A 253 12.60 -13.18 -7.00
C ASN A 253 11.14 -13.59 -6.82
N PHE A 254 10.27 -13.12 -7.69
CA PHE A 254 8.87 -13.52 -7.62
C PHE A 254 8.28 -13.46 -9.02
N GLU A 255 7.29 -14.29 -9.27
CA GLU A 255 6.62 -14.32 -10.56
C GLU A 255 5.13 -14.51 -10.40
N ASP A 256 4.38 -13.97 -11.35
CA ASP A 256 2.92 -14.05 -11.36
C ASP A 256 2.46 -15.48 -11.64
N VAL A 257 1.71 -16.05 -10.71
CA VAL A 257 1.20 -17.41 -10.87
C VAL A 257 -0.31 -17.41 -10.68
N THR A 258 -0.95 -16.30 -11.01
CA THR A 258 -2.39 -16.18 -10.84
C THR A 258 -3.12 -17.27 -11.63
N ASN A 259 -2.53 -17.69 -12.74
CA ASN A 259 -3.11 -18.72 -13.59
C ASN A 259 -3.18 -20.10 -12.92
N SER A 260 -2.28 -20.36 -11.97
CA SER A 260 -2.24 -21.65 -11.31
C SER A 260 -3.13 -21.84 -10.08
N VAL A 261 -3.69 -20.77 -9.54
CA VAL A 261 -4.55 -20.90 -8.37
C VAL A 261 -6.03 -20.79 -8.73
N ASN A 262 -6.90 -21.29 -7.88
CA ASN A 262 -8.34 -21.23 -8.14
C ASN A 262 -8.96 -20.20 -7.19
N ILE A 263 -9.48 -19.13 -7.77
CA ILE A 263 -10.08 -18.05 -7.00
C ILE A 263 -11.60 -18.11 -7.07
N THR A 264 -12.24 -18.14 -5.90
CA THR A 264 -13.70 -18.17 -5.82
C THR A 264 -14.18 -17.29 -4.67
N PHE A 265 -15.48 -17.08 -4.60
CA PHE A 265 -16.09 -16.30 -3.53
C PHE A 265 -17.27 -17.15 -3.07
N PRO A 266 -16.99 -18.25 -2.36
CA PRO A 266 -17.94 -19.24 -1.82
C PRO A 266 -18.96 -18.79 -0.77
N ASN A 267 -18.73 -17.63 -0.16
CA ASN A 267 -19.64 -17.12 0.86
C ASN A 267 -19.75 -15.61 0.75
N PRO A 268 -20.77 -15.02 1.38
CA PRO A 268 -20.94 -13.56 1.33
C PRO A 268 -19.67 -12.85 1.77
N ASN A 269 -19.26 -11.87 0.99
CA ASN A 269 -18.07 -11.08 1.28
C ASN A 269 -16.87 -11.91 1.72
N GLN A 270 -16.56 -12.94 0.94
CA GLN A 270 -15.42 -13.79 1.22
C GLN A 270 -14.79 -14.30 -0.08
N TYR A 271 -13.48 -14.20 -0.17
CA TYR A 271 -12.78 -14.72 -1.35
C TYR A 271 -11.99 -15.93 -0.87
N LYS A 272 -11.73 -16.86 -1.77
CA LYS A 272 -10.98 -18.07 -1.43
C LYS A 272 -9.94 -18.34 -2.52
N VAL A 273 -8.69 -18.54 -2.10
CA VAL A 273 -7.61 -18.83 -3.04
C VAL A 273 -7.03 -20.21 -2.74
N GLU A 274 -7.26 -21.16 -3.64
CA GLU A 274 -6.74 -22.50 -3.48
C GLU A 274 -5.48 -22.54 -4.35
N PHE A 275 -4.33 -22.80 -3.74
CA PHE A 275 -3.07 -22.79 -4.48
C PHE A 275 -2.82 -23.93 -5.44
N ASN A 276 -3.30 -25.13 -5.11
CA ASN A 276 -3.14 -26.30 -5.97
C ASN A 276 -1.80 -26.45 -6.69
N THR A 277 -0.70 -26.51 -5.94
CA THR A 277 0.61 -26.68 -6.54
C THR A 277 0.79 -28.13 -7.00
N PRO A 278 1.74 -28.37 -7.91
CA PRO A 278 2.01 -29.72 -8.43
C PRO A 278 2.23 -30.77 -7.34
N ASP A 279 2.96 -30.40 -6.28
CA ASP A 279 3.23 -31.32 -5.18
C ASP A 279 2.20 -31.25 -4.05
N ASP A 280 1.22 -30.36 -4.20
CA ASP A 280 0.20 -30.17 -3.17
C ASP A 280 0.85 -29.65 -1.89
N GLN A 281 1.94 -28.93 -2.06
CA GLN A 281 2.68 -28.36 -0.94
C GLN A 281 3.41 -27.10 -1.38
N ILE A 282 3.55 -26.15 -0.47
CA ILE A 282 4.29 -24.93 -0.76
C ILE A 282 5.41 -24.90 0.26
N THR A 283 6.55 -24.38 -0.13
CA THR A 283 7.69 -24.31 0.77
C THR A 283 8.30 -22.91 0.76
N THR A 284 7.64 -22.01 0.05
CA THR A 284 8.11 -20.62 -0.06
C THR A 284 6.94 -19.66 0.15
N PRO A 285 7.25 -18.36 0.25
CA PRO A 285 6.15 -17.40 0.44
C PRO A 285 5.40 -17.14 -0.86
N TYR A 286 4.19 -16.62 -0.71
CA TYR A 286 3.35 -16.23 -1.85
C TYR A 286 2.79 -14.87 -1.51
N ILE A 287 2.68 -14.01 -2.51
CA ILE A 287 2.14 -12.68 -2.31
C ILE A 287 0.78 -12.57 -2.99
N VAL A 288 -0.25 -12.26 -2.21
CA VAL A 288 -1.58 -12.11 -2.77
C VAL A 288 -1.94 -10.63 -2.75
N VAL A 289 -2.17 -10.07 -3.93
CA VAL A 289 -2.52 -8.66 -4.03
C VAL A 289 -4.01 -8.51 -4.31
N VAL A 290 -4.70 -7.83 -3.39
CA VAL A 290 -6.13 -7.60 -3.52
C VAL A 290 -6.47 -6.13 -3.75
N ASN A 291 -7.19 -5.87 -4.84
CA ASN A 291 -7.64 -4.52 -5.15
C ASN A 291 -9.16 -4.62 -5.04
N GLY A 292 -9.70 -4.13 -3.93
CA GLY A 292 -11.13 -4.21 -3.73
C GLY A 292 -11.86 -2.89 -3.63
N HIS A 293 -13.11 -2.97 -3.15
CA HIS A 293 -13.95 -1.79 -2.98
C HIS A 293 -14.63 -1.73 -1.63
N ILE A 294 -15.10 -0.54 -1.30
CA ILE A 294 -15.79 -0.27 -0.04
C ILE A 294 -17.22 0.16 -0.32
N ASP A 295 -18.10 -0.09 0.66
CA ASP A 295 -19.50 0.29 0.57
C ASP A 295 -19.57 1.72 1.12
N PRO A 296 -19.68 2.72 0.23
CA PRO A 296 -19.75 4.12 0.65
C PRO A 296 -20.89 4.48 1.60
N ASN A 297 -21.91 3.64 1.65
CA ASN A 297 -23.05 3.91 2.51
C ASN A 297 -22.95 3.20 3.85
N SER A 298 -21.83 2.53 4.05
CA SER A 298 -21.57 1.82 5.30
C SER A 298 -20.96 2.82 6.28
N LYS A 299 -21.33 2.72 7.55
CA LYS A 299 -20.81 3.62 8.57
C LYS A 299 -19.63 2.96 9.28
N GLY A 300 -19.26 1.77 8.82
CA GLY A 300 -18.17 1.05 9.44
C GLY A 300 -16.82 1.40 8.86
N ASP A 301 -15.77 0.88 9.50
CA ASP A 301 -14.40 1.10 9.05
C ASP A 301 -14.03 -0.04 8.12
N LEU A 302 -12.86 0.07 7.49
CA LEU A 302 -12.39 -1.00 6.61
C LEU A 302 -11.72 -2.03 7.50
N ALA A 303 -12.47 -3.07 7.87
CA ALA A 303 -11.96 -4.13 8.75
C ALA A 303 -11.96 -5.46 8.01
N LEU A 304 -10.79 -6.08 7.94
CA LEU A 304 -10.63 -7.33 7.21
C LEU A 304 -9.90 -8.39 8.03
N ARG A 305 -10.18 -9.66 7.73
CA ARG A 305 -9.54 -10.77 8.40
C ARG A 305 -9.11 -11.77 7.33
N SER A 306 -7.82 -12.06 7.28
CA SER A 306 -7.28 -13.01 6.31
C SER A 306 -6.95 -14.30 7.06
N THR A 307 -7.27 -15.44 6.46
CA THR A 307 -7.02 -16.71 7.11
C THR A 307 -6.33 -17.73 6.23
N LEU A 308 -5.19 -18.25 6.69
CA LEU A 308 -4.47 -19.27 5.94
C LEU A 308 -4.80 -20.63 6.55
N TYR A 309 -5.21 -21.58 5.70
CA TYR A 309 -5.53 -22.94 6.12
C TYR A 309 -4.46 -23.86 5.57
N GLY A 310 -4.25 -25.00 6.22
CA GLY A 310 -3.26 -25.94 5.71
C GLY A 310 -3.00 -27.14 6.60
N TYR A 311 -2.51 -28.22 5.98
CA TYR A 311 -2.18 -29.45 6.70
C TYR A 311 -0.70 -29.44 7.06
N ASN A 312 -0.34 -30.25 8.03
CA ASN A 312 1.05 -30.42 8.42
C ASN A 312 1.31 -31.86 8.00
N SER A 313 2.49 -32.40 8.32
CA SER A 313 2.80 -33.77 7.95
C SER A 313 1.80 -34.78 8.55
N ASN A 314 1.39 -34.54 9.80
CA ASN A 314 0.46 -35.43 10.49
C ASN A 314 -1.00 -35.19 10.11
N ILE A 315 -1.20 -34.63 8.93
CA ILE A 315 -2.51 -34.34 8.38
C ILE A 315 -3.51 -33.69 9.34
N ILE A 316 -3.05 -32.75 10.16
CA ILE A 316 -3.93 -32.02 11.04
C ILE A 316 -4.22 -30.71 10.31
N TRP A 317 -5.49 -30.46 10.02
CA TRP A 317 -5.94 -29.27 9.30
C TRP A 317 -6.12 -28.10 10.26
N ARG A 318 -5.31 -27.06 10.10
CA ARG A 318 -5.38 -25.90 10.97
C ARG A 318 -5.57 -24.59 10.20
N SER A 319 -5.76 -23.49 10.93
CA SER A 319 -5.94 -22.19 10.31
C SER A 319 -5.36 -21.09 11.20
N MET A 320 -4.80 -20.06 10.56
CA MET A 320 -4.21 -18.92 11.27
C MET A 320 -4.68 -17.66 10.57
N SER A 321 -5.02 -16.64 11.36
CA SER A 321 -5.54 -15.39 10.79
C SER A 321 -4.73 -14.13 11.09
N TRP A 322 -5.07 -13.05 10.39
CA TRP A 322 -4.44 -11.75 10.56
C TRP A 322 -5.51 -10.69 10.32
N ASP A 323 -5.65 -9.76 11.25
CA ASP A 323 -6.64 -8.69 11.12
C ASP A 323 -6.04 -7.36 10.69
N ASN A 324 -6.72 -6.72 9.75
CA ASN A 324 -6.31 -5.40 9.26
C ASN A 324 -7.53 -4.49 9.34
N GLU A 325 -7.35 -3.32 9.96
CA GLU A 325 -8.46 -2.37 10.07
C GLU A 325 -7.94 -0.94 10.03
N VAL A 326 -8.61 -0.12 9.22
CA VAL A 326 -8.26 1.28 9.12
C VAL A 326 -9.55 2.08 8.99
N ALA A 327 -9.56 3.28 9.55
CA ALA A 327 -10.74 4.12 9.46
C ALA A 327 -10.80 4.69 8.05
N PHE A 328 -11.98 4.64 7.44
CA PHE A 328 -12.16 5.16 6.09
C PHE A 328 -12.59 6.62 6.19
N ASN A 329 -11.88 7.40 7.00
CA ASN A 329 -12.20 8.81 7.21
C ASN A 329 -11.30 9.75 6.41
N ASN A 330 -10.04 9.36 6.23
CA ASN A 330 -9.08 10.15 5.49
C ASN A 330 -8.59 11.35 6.33
N GLY A 331 -9.43 11.79 7.26
CA GLY A 331 -9.07 12.92 8.10
C GLY A 331 -7.70 12.72 8.75
N SER A 332 -7.59 11.66 9.55
CA SER A 332 -6.34 11.35 10.23
C SER A 332 -5.44 10.53 9.30
N GLY A 333 -4.17 10.91 9.21
CA GLY A 333 -3.25 10.18 8.36
C GLY A 333 -3.40 8.68 8.56
N SER A 334 -3.04 8.21 9.75
CA SER A 334 -3.15 6.80 10.09
C SER A 334 -2.99 6.62 11.59
N GLY A 335 -2.67 5.40 12.02
CA GLY A 335 -2.53 5.12 13.44
C GLY A 335 -3.88 4.87 14.07
N ASP A 336 -3.90 4.14 15.18
CA ASP A 336 -5.15 3.82 15.89
C ASP A 336 -5.90 2.68 15.20
N GLY A 337 -5.38 2.25 14.06
CA GLY A 337 -6.01 1.16 13.33
C GLY A 337 -5.57 -0.16 13.90
N ILE A 338 -5.82 -1.24 13.15
CA ILE A 338 -5.45 -2.58 13.60
C ILE A 338 -4.56 -3.29 12.58
N ASP A 339 -3.55 -4.00 13.08
CA ASP A 339 -2.62 -4.75 12.24
C ASP A 339 -1.97 -5.80 13.14
N LYS A 340 -2.65 -6.93 13.31
CA LYS A 340 -2.11 -7.96 14.17
C LYS A 340 -2.63 -9.36 13.89
N PRO A 341 -1.97 -10.38 14.46
CA PRO A 341 -2.33 -11.78 14.30
C PRO A 341 -3.49 -12.18 15.20
N VAL A 342 -4.23 -13.19 14.75
CA VAL A 342 -5.36 -13.71 15.50
C VAL A 342 -5.52 -15.20 15.22
N VAL A 343 -5.65 -15.99 16.28
CA VAL A 343 -5.88 -17.42 16.10
C VAL A 343 -7.39 -17.60 16.07
N PRO A 344 -7.93 -18.08 14.95
CA PRO A 344 -9.38 -18.28 14.82
C PRO A 344 -9.79 -19.63 15.39
N GLU A 345 -11.09 -19.84 15.57
CA GLU A 345 -11.54 -21.12 16.06
C GLU A 345 -11.08 -22.05 14.95
N GLN A 346 -10.47 -23.17 15.31
CA GLN A 346 -9.97 -24.09 14.31
C GLN A 346 -11.10 -24.71 13.50
N PRO A 347 -10.82 -25.04 12.22
CA PRO A 347 -11.79 -25.64 11.31
C PRO A 347 -12.67 -26.74 11.89
N ASP A 348 -13.94 -26.73 11.51
CA ASP A 348 -14.89 -27.72 11.96
C ASP A 348 -14.69 -29.04 11.21
N GLU A 349 -14.41 -28.94 9.92
CA GLU A 349 -14.18 -30.12 9.10
C GLU A 349 -12.84 -30.06 8.39
N PRO A 350 -12.08 -31.17 8.41
CA PRO A 350 -10.76 -31.22 7.76
C PRO A 350 -10.85 -30.93 6.27
N GLY A 351 -10.01 -30.01 5.79
CA GLY A 351 -10.01 -29.66 4.38
C GLY A 351 -11.06 -28.64 3.99
N GLU A 352 -11.90 -28.23 4.93
CA GLU A 352 -12.95 -27.26 4.68
C GLU A 352 -12.65 -25.92 5.31
N ILE A 353 -13.03 -24.84 4.64
CA ILE A 353 -12.80 -23.51 5.19
C ILE A 353 -14.06 -23.07 5.92
N GLU A 354 -13.93 -22.06 6.76
CA GLU A 354 -15.07 -21.53 7.53
C GLU A 354 -15.68 -20.31 6.84
N PRO A 355 -17.01 -20.24 6.75
CA PRO A 355 -17.68 -19.11 6.12
C PRO A 355 -17.37 -17.79 6.82
N ILE A 356 -17.24 -17.85 8.15
CA ILE A 356 -16.93 -16.69 8.97
C ILE A 356 -15.97 -17.12 10.08
N PRO A 357 -14.67 -16.81 9.93
CA PRO A 357 -13.61 -17.15 10.89
C PRO A 357 -13.66 -16.29 12.15
N GLU A 358 -14.37 -16.76 13.18
CA GLU A 358 -14.48 -16.00 14.43
C GLU A 358 -13.39 -16.35 15.44
N LYS A 359 -13.46 -15.69 16.60
CA LYS A 359 -12.52 -15.86 17.70
C LYS A 359 -11.22 -15.15 17.38
MG MG B . 5.16 34.75 -17.48
MG MG C . 12.68 -13.49 4.84
MG MG D . 11.63 5.02 -3.78
#